data_6KXZ
#
_entry.id   6KXZ
#
loop_
_entity.id
_entity.type
_entity.pdbx_description
1 polymer [TTAGGGT]4-EPI-Complex
2 non-polymer "4'-EPIDOXORUBICIN"
#
_entity_poly.entity_id   1
_entity_poly.type   'polydeoxyribonucleotide'
_entity_poly.pdbx_seq_one_letter_code
;(DT)(DT)(DA)(DG)(DG)(DG)(DT)
;
_entity_poly.pdbx_strand_id   A,B,C,D
#